data_4FGZ
#
_entry.id   4FGZ
#
_cell.length_a   66.051
_cell.length_b   60.639
_cell.length_c   68.151
_cell.angle_alpha   90.000
_cell.angle_beta   90.008
_cell.angle_gamma   90.000
#
_symmetry.space_group_name_H-M   'P 1 2 1'
#
loop_
_entity.id
_entity.type
_entity.pdbx_description
1 polymer 'Phosphoethanolamine N-methyltransferase'
2 non-polymer 4-[(7-CHLOROQUINOLIN-4-YL)AMINO]-2-[(DIETHYLAMINO)METHYL]PHENOL
3 non-polymer S-ADENOSYL-L-HOMOCYSTEINE
4 non-polymer 'PHOSPHATE ION'
5 water water
#
_entity_poly.entity_id   1
_entity_poly.type   'polypeptide(L)'
_entity_poly.pdbx_seq_one_letter_code
;MTLIENLNSDKTFLENNQYTDEGVKVYEFIFGENYISSGGLEATKKILSDIELNENSKVLDIGSGLGGGCMYINEKYGAH
THGIDICSNIVNMANERVSGNNKIIFEANDILTKEFPENNFDLIYSRDAILHLSLENKNKLFQKCYKWLKPTGTLLITDY
CATEKENWDDEFKEYVKQRKYTLITVEEYADILTACNFKNVVSKDLSDYWNQLLEVEHKYLHENKEEFLKLFSEKKFISL
DDGWSRKIKDSKRKMQRWGYFKATKN
;
_entity_poly.pdbx_strand_id   A,B
#
loop_
_chem_comp.id
_chem_comp.type
_chem_comp.name
_chem_comp.formula
CQA non-polymer 4-[(7-CHLOROQUINOLIN-4-YL)AMINO]-2-[(DIETHYLAMINO)METHYL]PHENOL 'C20 H22 Cl N3 O'
PO4 non-polymer 'PHOSPHATE ION' 'O4 P -3'
#
# COMPACT_ATOMS: atom_id res chain seq x y z
N SER A 9 -15.42 -26.23 18.46
CA SER A 9 -14.46 -25.77 19.45
C SER A 9 -14.54 -24.25 19.62
N ASP A 10 -13.38 -23.60 19.66
CA ASP A 10 -13.34 -22.15 19.78
C ASP A 10 -13.57 -21.48 18.43
N LYS A 11 -13.88 -22.28 17.42
CA LYS A 11 -14.07 -21.76 16.06
C LYS A 11 -15.13 -20.66 15.99
N THR A 12 -16.38 -21.01 16.29
CA THR A 12 -17.46 -20.02 16.28
C THR A 12 -17.22 -18.87 17.29
N PHE A 13 -16.60 -19.17 18.42
CA PHE A 13 -16.23 -18.10 19.36
C PHE A 13 -15.25 -17.08 18.74
N LEU A 14 -14.18 -17.56 18.12
CA LEU A 14 -13.16 -16.68 17.53
C LEU A 14 -13.74 -15.92 16.34
N GLU A 15 -14.38 -16.66 15.43
CA GLU A 15 -15.05 -16.08 14.27
C GLU A 15 -16.08 -15.00 14.65
N ASN A 16 -16.71 -15.15 15.81
CA ASN A 16 -17.77 -14.23 16.22
C ASN A 16 -17.41 -13.24 17.34
N ASN A 17 -16.12 -13.16 17.70
CA ASN A 17 -15.64 -12.18 18.68
C ASN A 17 -14.37 -11.44 18.23
N GLN A 18 -13.20 -11.93 18.65
CA GLN A 18 -11.93 -11.28 18.28
C GLN A 18 -11.69 -11.17 16.76
N TYR A 19 -12.05 -12.22 16.02
CA TYR A 19 -11.69 -12.30 14.60
C TYR A 19 -12.87 -12.22 13.64
N THR A 20 -13.82 -11.34 13.95
CA THR A 20 -14.88 -10.97 13.01
C THR A 20 -14.21 -10.30 11.81
N ASP A 21 -14.94 -10.19 10.71
CA ASP A 21 -14.46 -9.49 9.51
C ASP A 21 -14.09 -8.04 9.85
N GLU A 22 -14.98 -7.37 10.58
CA GLU A 22 -14.75 -6.00 11.00
C GLU A 22 -13.53 -5.92 11.93
N GLY A 23 -13.47 -6.85 12.88
CA GLY A 23 -12.35 -6.92 13.81
C GLY A 23 -11.02 -7.10 13.10
N VAL A 24 -11.02 -7.96 12.07
CA VAL A 24 -9.82 -8.26 11.31
C VAL A 24 -9.34 -7.05 10.49
N LYS A 25 -10.29 -6.31 9.93
CA LYS A 25 -10.01 -5.12 9.15
C LYS A 25 -9.43 -4.01 10.02
N VAL A 26 -10.01 -3.84 11.20
CA VAL A 26 -9.48 -2.91 12.18
C VAL A 26 -8.02 -3.23 12.50
N TYR A 27 -7.74 -4.52 12.75
CA TYR A 27 -6.37 -4.95 13.06
C TYR A 27 -5.45 -4.62 11.91
N GLU A 28 -5.91 -4.89 10.70
CA GLU A 28 -5.14 -4.57 9.50
C GLU A 28 -4.82 -3.09 9.41
N PHE A 29 -5.76 -2.24 9.82
CA PHE A 29 -5.54 -0.79 9.78
C PHE A 29 -4.31 -0.41 10.60
N ILE A 30 -4.13 -1.11 11.71
CA ILE A 30 -3.11 -0.72 12.68
C ILE A 30 -1.79 -1.49 12.49
N PHE A 31 -1.86 -2.73 11.99
CA PHE A 31 -0.66 -3.54 11.77
C PHE A 31 -0.13 -3.40 10.35
N GLY A 32 -1.01 -2.99 9.44
CA GLY A 32 -0.71 -2.94 8.02
C GLY A 32 -1.37 -4.07 7.24
N GLU A 33 -1.45 -3.87 5.93
CA GLU A 33 -2.10 -4.81 5.01
C GLU A 33 -1.63 -6.27 5.19
N ASN A 34 -2.59 -7.18 5.30
CA ASN A 34 -2.34 -8.64 5.42
C ASN A 34 -1.83 -9.13 6.78
N TYR A 35 -1.76 -8.23 7.75
CA TYR A 35 -1.29 -8.61 9.09
C TYR A 35 -2.32 -8.34 10.17
N ILE A 36 -2.45 -9.28 11.10
CA ILE A 36 -3.32 -9.07 12.26
C ILE A 36 -2.60 -9.35 13.59
N SER A 37 -1.29 -9.14 13.61
CA SER A 37 -0.53 -9.24 14.85
C SER A 37 0.66 -8.26 14.90
N SER A 38 1.24 -8.16 16.10
CA SER A 38 2.31 -7.25 16.50
C SER A 38 3.31 -6.86 15.43
N GLY A 39 3.34 -5.57 15.09
CA GLY A 39 4.40 -5.03 14.25
C GLY A 39 4.28 -5.29 12.76
N GLY A 40 3.23 -5.99 12.34
CA GLY A 40 3.00 -6.30 10.92
C GLY A 40 4.24 -6.72 10.15
N LEU A 41 4.44 -6.10 8.99
CA LEU A 41 5.54 -6.45 8.09
C LEU A 41 6.92 -6.18 8.69
N GLU A 42 7.05 -5.03 9.34
CA GLU A 42 8.34 -4.64 9.93
C GLU A 42 8.85 -5.64 10.95
N ALA A 43 7.98 -6.09 11.87
CA ALA A 43 8.41 -7.06 12.87
C ALA A 43 8.75 -8.41 12.23
N THR A 44 7.99 -8.76 11.19
CA THR A 44 8.20 -10.01 10.46
C THR A 44 9.58 -10.02 9.80
N LYS A 45 9.94 -8.92 9.16
CA LYS A 45 11.30 -8.77 8.61
C LYS A 45 12.37 -9.05 9.67
N LYS A 46 12.18 -8.49 10.86
CA LYS A 46 13.11 -8.74 11.99
C LYS A 46 13.10 -10.21 12.44
N ILE A 47 11.92 -10.78 12.66
CA ILE A 47 11.85 -12.15 13.15
C ILE A 47 12.50 -13.15 12.17
N LEU A 48 12.41 -12.87 10.88
CA LEU A 48 12.97 -13.76 9.87
C LEU A 48 14.40 -13.43 9.44
N SER A 49 15.00 -12.40 10.03
CA SER A 49 16.28 -11.87 9.54
C SER A 49 17.43 -12.88 9.57
N ASP A 50 17.38 -13.86 10.45
CA ASP A 50 18.45 -14.86 10.52
C ASP A 50 18.00 -16.22 9.99
N ILE A 51 16.90 -16.24 9.25
CA ILE A 51 16.34 -17.48 8.72
C ILE A 51 16.78 -17.70 7.27
N GLU A 52 17.28 -18.90 6.97
CA GLU A 52 17.72 -19.22 5.60
C GLU A 52 16.82 -20.24 4.93
N LEU A 53 16.24 -19.87 3.79
CA LEU A 53 15.42 -20.78 2.99
C LEU A 53 15.66 -20.56 1.51
N ASN A 54 15.25 -21.52 0.69
CA ASN A 54 15.30 -21.35 -0.77
C ASN A 54 13.94 -21.55 -1.44
N GLU A 55 13.92 -21.64 -2.77
CA GLU A 55 12.66 -21.75 -3.50
C GLU A 55 12.02 -23.11 -3.29
N ASN A 56 12.84 -24.11 -3.01
CA ASN A 56 12.36 -25.46 -2.84
C ASN A 56 11.93 -25.78 -1.42
N SER A 57 12.23 -24.87 -0.48
CA SER A 57 11.89 -25.05 0.93
C SER A 57 10.39 -25.16 1.19
N LYS A 58 10.02 -25.87 2.26
CA LYS A 58 8.62 -26.06 2.61
C LYS A 58 8.30 -25.42 3.97
N VAL A 59 7.34 -24.50 4.00
CA VAL A 59 7.02 -23.76 5.21
C VAL A 59 5.57 -23.98 5.67
N LEU A 60 5.41 -24.19 6.97
CA LEU A 60 4.10 -24.25 7.62
C LEU A 60 3.91 -23.04 8.52
N ASP A 61 2.82 -22.31 8.32
CA ASP A 61 2.47 -21.21 9.20
C ASP A 61 1.24 -21.61 10.01
N ILE A 62 1.42 -21.70 11.33
CA ILE A 62 0.34 -22.07 12.24
C ILE A 62 -0.44 -20.85 12.75
N GLY A 63 -1.69 -20.76 12.32
CA GLY A 63 -2.54 -19.61 12.59
C GLY A 63 -2.19 -18.47 11.65
N SER A 64 -2.27 -18.75 10.35
CA SER A 64 -1.74 -17.87 9.30
C SER A 64 -2.50 -16.56 9.08
N GLY A 65 -3.71 -16.48 9.63
CA GLY A 65 -4.48 -15.24 9.58
C GLY A 65 -4.73 -14.74 8.17
N LEU A 66 -4.50 -13.45 7.92
CA LEU A 66 -4.73 -12.89 6.59
C LEU A 66 -3.62 -13.26 5.61
N GLY A 67 -2.59 -13.93 6.10
CA GLY A 67 -1.61 -14.50 5.21
C GLY A 67 -0.32 -13.69 4.98
N GLY A 68 -0.19 -12.54 5.63
CA GLY A 68 0.95 -11.65 5.38
C GLY A 68 2.29 -12.32 5.56
N GLY A 69 2.43 -13.09 6.64
CA GLY A 69 3.61 -13.87 6.90
C GLY A 69 3.96 -14.84 5.78
N CYS A 70 2.98 -15.58 5.29
CA CYS A 70 3.23 -16.51 4.18
C CYS A 70 3.67 -15.77 2.91
N MET A 71 3.03 -14.64 2.64
CA MET A 71 3.34 -13.86 1.45
C MET A 71 4.78 -13.35 1.51
N TYR A 72 5.20 -12.90 2.70
CA TYR A 72 6.54 -12.35 2.87
C TYR A 72 7.62 -13.43 2.74
N ILE A 73 7.36 -14.59 3.34
CA ILE A 73 8.27 -15.71 3.27
C ILE A 73 8.43 -16.21 1.82
N ASN A 74 7.33 -16.21 1.08
CA ASN A 74 7.39 -16.60 -0.32
C ASN A 74 8.08 -15.51 -1.15
N GLU A 75 7.80 -14.25 -0.84
CA GLU A 75 8.43 -13.15 -1.55
C GLU A 75 9.93 -13.15 -1.32
N LYS A 76 10.34 -13.29 -0.06
CA LYS A 76 11.75 -13.22 0.30
C LYS A 76 12.55 -14.43 -0.16
N TYR A 77 11.99 -15.63 0.03
CA TYR A 77 12.74 -16.86 -0.24
C TYR A 77 12.33 -17.62 -1.49
N GLY A 78 11.09 -17.44 -1.94
CA GLY A 78 10.54 -18.22 -3.02
C GLY A 78 10.01 -19.56 -2.52
N ALA A 79 9.89 -19.69 -1.20
CA ALA A 79 9.53 -20.97 -0.58
C ALA A 79 8.05 -21.35 -0.74
N HIS A 80 7.76 -22.64 -0.63
CA HIS A 80 6.38 -23.12 -0.58
C HIS A 80 5.79 -22.84 0.80
N THR A 81 4.76 -22.02 0.87
CA THR A 81 4.13 -21.71 2.15
C THR A 81 2.74 -22.34 2.24
N HIS A 82 2.45 -22.92 3.39
CA HIS A 82 1.18 -23.56 3.65
C HIS A 82 0.69 -23.00 4.98
N GLY A 83 -0.36 -22.19 4.94
CA GLY A 83 -0.92 -21.63 6.15
C GLY A 83 -2.15 -22.38 6.61
N ILE A 84 -2.26 -22.57 7.92
CA ILE A 84 -3.43 -23.19 8.51
C ILE A 84 -4.09 -22.21 9.49
N ASP A 85 -5.37 -21.91 9.29
CA ASP A 85 -6.07 -21.07 10.23
C ASP A 85 -7.47 -21.59 10.51
N ILE A 86 -7.86 -21.55 11.78
CA ILE A 86 -9.12 -22.16 12.22
C ILE A 86 -10.34 -21.34 11.82
N CYS A 87 -10.15 -20.05 11.55
CA CYS A 87 -11.28 -19.21 11.13
C CYS A 87 -11.49 -19.23 9.62
N SER A 88 -12.64 -19.73 9.18
CA SER A 88 -12.92 -19.89 7.75
C SER A 88 -13.11 -18.52 7.10
N ASN A 89 -13.71 -17.59 7.84
CA ASN A 89 -13.88 -16.23 7.31
C ASN A 89 -12.54 -15.54 7.03
N ILE A 90 -11.54 -15.82 7.86
CA ILE A 90 -10.21 -15.25 7.67
C ILE A 90 -9.48 -15.93 6.51
N VAL A 91 -9.55 -17.26 6.48
CA VAL A 91 -9.01 -18.05 5.37
C VAL A 91 -9.54 -17.61 4.00
N ASN A 92 -10.83 -17.29 3.93
CA ASN A 92 -11.43 -16.86 2.66
C ASN A 92 -10.86 -15.53 2.20
N MET A 93 -10.60 -14.64 3.17
CA MET A 93 -9.98 -13.35 2.86
C MET A 93 -8.57 -13.53 2.32
N ALA A 94 -7.80 -14.40 2.98
CA ALA A 94 -6.42 -14.68 2.62
C ALA A 94 -6.30 -15.33 1.24
N ASN A 95 -7.19 -16.30 0.99
CA ASN A 95 -7.22 -17.00 -0.29
C ASN A 95 -7.39 -16.02 -1.44
N GLU A 96 -8.18 -14.99 -1.22
CA GLU A 96 -8.49 -14.03 -2.28
C GLU A 96 -7.30 -13.13 -2.63
N ARG A 97 -6.29 -13.14 -1.77
CA ARG A 97 -5.07 -12.33 -1.99
C ARG A 97 -3.94 -13.09 -2.65
N VAL A 98 -4.04 -14.42 -2.71
CA VAL A 98 -2.98 -15.27 -3.25
C VAL A 98 -3.49 -16.24 -4.31
N SER A 99 -4.57 -15.84 -4.99
CA SER A 99 -5.18 -16.64 -6.05
C SER A 99 -4.23 -16.86 -7.23
N GLY A 100 -3.32 -15.91 -7.45
CA GLY A 100 -2.38 -16.02 -8.55
C GLY A 100 -1.15 -16.84 -8.24
N ASN A 101 -0.88 -17.07 -6.97
CA ASN A 101 0.38 -17.65 -6.50
C ASN A 101 0.20 -19.08 -5.96
N ASN A 102 0.55 -20.07 -6.78
CA ASN A 102 0.39 -21.49 -6.46
C ASN A 102 1.35 -22.04 -5.39
N LYS A 103 2.31 -21.22 -4.96
CA LYS A 103 3.23 -21.61 -3.90
C LYS A 103 2.82 -21.04 -2.55
N ILE A 104 1.63 -20.44 -2.52
CA ILE A 104 1.04 -19.98 -1.27
C ILE A 104 -0.38 -20.51 -1.13
N ILE A 105 -0.57 -21.48 -0.24
CA ILE A 105 -1.93 -21.94 0.04
C ILE A 105 -2.31 -21.73 1.49
N PHE A 106 -3.60 -21.50 1.70
CA PHE A 106 -4.16 -21.42 3.04
C PHE A 106 -5.25 -22.47 3.16
N GLU A 107 -5.48 -22.95 4.38
CA GLU A 107 -6.47 -23.99 4.60
C GLU A 107 -7.20 -23.73 5.90
N ALA A 108 -8.53 -23.83 5.87
CA ALA A 108 -9.32 -23.67 7.07
C ALA A 108 -9.36 -24.98 7.84
N ASN A 109 -8.74 -24.99 9.01
CA ASN A 109 -8.73 -26.18 9.85
C ASN A 109 -8.13 -25.87 11.21
N ASP A 110 -8.60 -26.58 12.23
CA ASP A 110 -7.94 -26.55 13.52
C ASP A 110 -6.60 -27.26 13.34
N ILE A 111 -5.51 -26.58 13.69
CA ILE A 111 -4.17 -27.16 13.61
C ILE A 111 -4.06 -28.45 14.43
N LEU A 112 -4.89 -28.55 15.48
CA LEU A 112 -4.85 -29.72 16.36
C LEU A 112 -5.44 -30.98 15.70
N THR A 113 -6.41 -30.80 14.82
CA THR A 113 -6.98 -31.93 14.10
C THR A 113 -6.29 -32.15 12.77
N LYS A 114 -5.54 -31.15 12.31
CA LYS A 114 -4.81 -31.24 11.05
C LYS A 114 -3.76 -32.35 11.12
N GLU A 115 -3.62 -33.08 10.02
CA GLU A 115 -2.67 -34.18 9.93
C GLU A 115 -1.61 -33.89 8.88
N PHE A 116 -0.35 -34.16 9.20
CA PHE A 116 0.75 -33.95 8.27
C PHE A 116 1.72 -35.13 8.33
N PRO A 117 2.45 -35.37 7.23
CA PRO A 117 3.51 -36.38 7.23
C PRO A 117 4.70 -35.99 8.10
N GLU A 118 5.45 -36.99 8.54
CA GLU A 118 6.69 -36.79 9.28
C GLU A 118 7.80 -36.27 8.37
N ASN A 119 8.67 -35.42 8.90
CA ASN A 119 9.79 -34.84 8.15
C ASN A 119 9.32 -34.07 6.91
N ASN A 120 8.34 -33.20 7.10
CA ASN A 120 7.69 -32.51 5.99
C ASN A 120 8.22 -31.10 5.71
N PHE A 121 8.48 -30.33 6.76
CA PHE A 121 8.73 -28.88 6.64
C PHE A 121 10.16 -28.44 6.98
N ASP A 122 10.67 -27.45 6.24
CA ASP A 122 11.94 -26.83 6.57
C ASP A 122 11.78 -25.81 7.70
N LEU A 123 10.63 -25.14 7.72
CA LEU A 123 10.34 -24.15 8.75
C LEU A 123 8.88 -24.26 9.20
N ILE A 124 8.69 -24.36 10.52
CA ILE A 124 7.36 -24.24 11.11
C ILE A 124 7.32 -22.93 11.89
N TYR A 125 6.34 -22.10 11.57
CA TYR A 125 6.33 -20.69 11.90
C TYR A 125 4.99 -20.31 12.49
N SER A 126 5.00 -19.59 13.61
CA SER A 126 3.75 -19.16 14.23
C SER A 126 3.88 -17.82 14.94
N ARG A 127 2.94 -16.92 14.68
CA ARG A 127 3.01 -15.58 15.25
C ARG A 127 1.72 -15.26 15.99
N ASP A 128 1.80 -15.22 17.31
CA ASP A 128 0.72 -14.79 18.19
C ASP A 128 -0.58 -15.56 17.96
N ALA A 129 -0.49 -16.88 17.96
CA ALA A 129 -1.68 -17.69 17.71
C ALA A 129 -1.85 -18.78 18.76
N ILE A 130 -0.73 -19.26 19.29
CA ILE A 130 -0.72 -20.43 20.18
C ILE A 130 -1.29 -20.09 21.58
N LEU A 131 -1.41 -18.80 21.87
CA LEU A 131 -2.06 -18.36 23.11
C LEU A 131 -3.55 -18.74 23.21
N HIS A 132 -4.17 -19.00 22.06
CA HIS A 132 -5.55 -19.46 22.00
C HIS A 132 -5.72 -20.90 22.50
N LEU A 133 -4.63 -21.65 22.57
CA LEU A 133 -4.67 -23.08 22.89
C LEU A 133 -4.51 -23.32 24.38
N SER A 134 -5.32 -24.22 24.93
CA SER A 134 -5.15 -24.66 26.32
C SER A 134 -3.77 -25.26 26.51
N LEU A 135 -3.37 -25.38 27.76
CA LEU A 135 -2.05 -25.91 28.12
C LEU A 135 -1.78 -27.29 27.50
N GLU A 136 -2.71 -28.23 27.74
CA GLU A 136 -2.67 -29.54 27.09
C GLU A 136 -2.54 -29.46 25.57
N ASN A 137 -3.32 -28.55 24.98
CA ASN A 137 -3.28 -28.39 23.53
C ASN A 137 -1.95 -27.84 23.02
N LYS A 138 -1.30 -26.98 23.81
CA LYS A 138 0.04 -26.47 23.45
C LYS A 138 1.02 -27.63 23.36
N ASN A 139 0.88 -28.58 24.26
CA ASN A 139 1.78 -29.74 24.29
C ASN A 139 1.66 -30.67 23.09
N LYS A 140 0.43 -31.02 22.72
CA LYS A 140 0.25 -31.96 21.62
C LYS A 140 0.65 -31.32 20.30
N LEU A 141 0.44 -30.01 20.20
CA LEU A 141 0.81 -29.27 19.00
C LEU A 141 2.31 -29.38 18.77
N PHE A 142 3.08 -29.12 19.82
CA PHE A 142 4.53 -29.09 19.70
C PHE A 142 5.11 -30.50 19.46
N GLN A 143 4.45 -31.51 19.99
CA GLN A 143 4.80 -32.89 19.67
C GLN A 143 4.52 -33.19 18.18
N LYS A 144 3.38 -32.71 17.69
CA LYS A 144 3.07 -32.85 16.26
C LYS A 144 4.06 -32.03 15.43
N CYS A 145 4.41 -30.83 15.92
CA CYS A 145 5.37 -29.98 15.23
C CYS A 145 6.73 -30.67 15.11
N TYR A 146 7.12 -31.36 16.16
CA TYR A 146 8.40 -32.05 16.17
C TYR A 146 8.47 -33.09 15.06
N LYS A 147 7.40 -33.86 14.92
CA LYS A 147 7.28 -34.87 13.88
C LYS A 147 7.41 -34.24 12.51
N TRP A 148 6.70 -33.12 12.34
CA TRP A 148 6.53 -32.49 11.03
C TRP A 148 7.80 -31.86 10.46
N LEU A 149 8.67 -31.36 11.33
CA LEU A 149 9.93 -30.76 10.91
C LEU A 149 10.85 -31.80 10.29
N LYS A 150 11.49 -31.43 9.19
CA LYS A 150 12.55 -32.25 8.62
C LYS A 150 13.71 -32.18 9.61
N PRO A 151 14.62 -33.17 9.57
CA PRO A 151 15.77 -33.17 10.48
C PRO A 151 16.58 -31.87 10.47
N THR A 152 16.60 -31.20 9.33
CA THR A 152 17.31 -29.92 9.19
C THR A 152 16.39 -28.73 9.50
N GLY A 153 15.19 -29.03 10.02
CA GLY A 153 14.15 -28.03 10.20
C GLY A 153 14.28 -27.13 11.42
N THR A 154 13.61 -25.98 11.35
CA THR A 154 13.58 -25.01 12.44
C THR A 154 12.14 -24.65 12.82
N LEU A 155 11.89 -24.58 14.12
CA LEU A 155 10.64 -24.05 14.66
C LEU A 155 10.88 -22.58 15.05
N LEU A 156 9.96 -21.69 14.66
CA LEU A 156 10.10 -20.26 14.92
C LEU A 156 8.76 -19.66 15.37
N ILE A 157 8.75 -19.06 16.56
CA ILE A 157 7.51 -18.63 17.21
C ILE A 157 7.57 -17.28 17.91
N THR A 158 6.56 -16.44 17.71
CA THR A 158 6.23 -15.41 18.73
C THR A 158 4.87 -15.72 19.36
N ASP A 159 4.69 -15.37 20.62
CA ASP A 159 3.43 -15.67 21.30
C ASP A 159 3.27 -14.82 22.54
N TYR A 160 2.02 -14.57 22.91
CA TYR A 160 1.74 -13.83 24.12
C TYR A 160 2.07 -14.69 25.32
N CYS A 161 2.79 -14.10 26.27
CA CYS A 161 3.10 -14.73 27.54
C CYS A 161 2.75 -13.78 28.69
N ALA A 162 3.01 -14.21 29.90
CA ALA A 162 2.63 -13.41 31.05
C ALA A 162 3.46 -13.77 32.27
N THR A 163 3.39 -12.90 33.27
CA THR A 163 3.91 -13.18 34.60
C THR A 163 3.01 -14.23 35.24
N GLU A 164 3.43 -14.80 36.37
CA GLU A 164 2.61 -15.82 37.04
C GLU A 164 1.29 -15.21 37.50
N LYS A 165 0.27 -16.04 37.61
CA LYS A 165 -1.10 -15.59 37.88
C LYS A 165 -1.25 -14.79 39.19
N GLU A 166 -0.44 -15.10 40.19
CA GLU A 166 -0.51 -14.35 41.45
C GLU A 166 -0.19 -12.86 41.25
N ASN A 167 0.36 -12.50 40.09
CA ASN A 167 0.67 -11.10 39.80
C ASN A 167 -0.29 -10.41 38.82
N TRP A 168 -1.32 -11.12 38.39
CA TRP A 168 -2.32 -10.54 37.49
C TRP A 168 -3.27 -9.67 38.28
N ASP A 169 -3.70 -8.53 37.75
CA ASP A 169 -4.79 -7.81 38.43
C ASP A 169 -6.14 -8.24 37.87
N ASP A 170 -7.22 -7.69 38.42
CA ASP A 170 -8.57 -8.14 38.03
C ASP A 170 -8.83 -7.93 36.54
N GLU A 171 -8.38 -6.79 36.03
CA GLU A 171 -8.63 -6.45 34.64
C GLU A 171 -7.91 -7.40 33.70
N PHE A 172 -6.68 -7.79 34.05
CA PHE A 172 -5.92 -8.70 33.21
C PHE A 172 -6.53 -10.12 33.24
N LYS A 173 -7.00 -10.53 34.42
CA LYS A 173 -7.66 -11.82 34.53
C LYS A 173 -8.91 -11.85 33.67
N GLU A 174 -9.62 -10.73 33.62
CA GLU A 174 -10.90 -10.66 32.91
C GLU A 174 -10.64 -10.73 31.40
N TYR A 175 -9.65 -9.97 30.94
CA TYR A 175 -9.20 -9.96 29.55
C TYR A 175 -8.81 -11.37 29.08
N VAL A 176 -8.02 -12.05 29.90
CA VAL A 176 -7.56 -13.40 29.56
C VAL A 176 -8.77 -14.36 29.54
N LYS A 177 -9.66 -14.20 30.51
CA LYS A 177 -10.86 -15.02 30.57
C LYS A 177 -11.76 -14.80 29.36
N GLN A 178 -12.15 -13.56 29.11
CA GLN A 178 -13.09 -13.28 28.03
C GLN A 178 -12.54 -13.56 26.63
N ARG A 179 -11.21 -13.46 26.45
CA ARG A 179 -10.57 -13.83 25.18
C ARG A 179 -10.28 -15.33 25.10
N LYS A 180 -10.46 -16.03 26.21
CA LYS A 180 -10.20 -17.47 26.30
C LYS A 180 -8.74 -17.81 25.97
N TYR A 181 -7.83 -16.92 26.36
CA TYR A 181 -6.39 -17.15 26.23
C TYR A 181 -5.86 -18.09 27.30
N THR A 182 -4.81 -18.82 26.98
CA THR A 182 -4.00 -19.49 27.99
C THR A 182 -2.58 -18.91 27.94
N LEU A 183 -2.21 -18.12 28.94
CA LEU A 183 -0.90 -17.45 28.96
C LEU A 183 0.01 -17.99 30.03
N ILE A 184 1.19 -18.46 29.63
CA ILE A 184 2.18 -18.95 30.58
C ILE A 184 3.43 -18.08 30.50
N THR A 185 4.43 -18.37 31.32
CA THR A 185 5.68 -17.61 31.29
C THR A 185 6.57 -18.06 30.14
N VAL A 186 7.53 -17.22 29.78
CA VAL A 186 8.49 -17.53 28.72
C VAL A 186 9.23 -18.82 29.09
N GLU A 187 9.52 -18.98 30.38
CA GLU A 187 10.23 -20.14 30.91
C GLU A 187 9.39 -21.42 30.84
N GLU A 188 8.13 -21.33 31.26
CA GLU A 188 7.21 -22.48 31.15
C GLU A 188 7.04 -22.92 29.69
N TYR A 189 7.04 -21.95 28.79
CA TYR A 189 6.90 -22.19 27.35
C TYR A 189 8.13 -22.93 26.81
N ALA A 190 9.31 -22.37 27.08
CA ALA A 190 10.59 -23.00 26.73
C ALA A 190 10.70 -24.42 27.28
N ASP A 191 10.15 -24.64 28.47
CA ASP A 191 10.12 -25.97 29.10
C ASP A 191 9.35 -27.00 28.27
N ILE A 192 8.23 -26.58 27.70
CA ILE A 192 7.39 -27.45 26.89
C ILE A 192 8.12 -27.92 25.64
N LEU A 193 8.86 -27.01 25.02
CA LEU A 193 9.57 -27.30 23.78
C LEU A 193 10.67 -28.34 23.99
N THR A 194 11.36 -28.27 25.12
CA THR A 194 12.41 -29.24 25.43
C THR A 194 11.76 -30.58 25.75
N ALA A 195 10.62 -30.54 26.43
CA ALA A 195 9.86 -31.74 26.76
C ALA A 195 9.32 -32.42 25.51
N CYS A 196 9.11 -31.64 24.46
CA CYS A 196 8.65 -32.17 23.20
C CYS A 196 9.80 -32.58 22.29
N ASN A 197 11.00 -32.60 22.88
CA ASN A 197 12.22 -33.19 22.29
C ASN A 197 13.05 -32.27 21.40
N PHE A 198 12.67 -31.00 21.33
CA PHE A 198 13.43 -30.02 20.54
C PHE A 198 14.82 -29.75 21.10
N LYS A 199 15.75 -29.38 20.21
CA LYS A 199 17.10 -29.07 20.60
C LYS A 199 17.35 -27.58 20.37
N ASN A 200 18.47 -27.07 20.88
CA ASN A 200 18.85 -25.68 20.71
C ASN A 200 17.73 -24.70 21.01
N VAL A 201 16.94 -25.01 22.03
CA VAL A 201 15.81 -24.16 22.38
C VAL A 201 16.28 -22.79 22.86
N VAL A 202 15.80 -21.76 22.19
CA VAL A 202 16.19 -20.38 22.47
C VAL A 202 14.93 -19.61 22.82
N SER A 203 14.91 -19.04 24.02
CA SER A 203 13.76 -18.29 24.49
C SER A 203 14.19 -16.86 24.81
N LYS A 204 13.39 -15.89 24.40
CA LYS A 204 13.66 -14.50 24.72
C LYS A 204 12.38 -13.78 25.07
N ASP A 205 12.45 -13.00 26.14
CA ASP A 205 11.37 -12.08 26.49
C ASP A 205 11.60 -10.80 25.69
N LEU A 206 10.81 -10.61 24.62
CA LEU A 206 10.95 -9.42 23.76
C LEU A 206 9.98 -8.29 24.12
N SER A 207 9.61 -8.19 25.40
CA SER A 207 8.60 -7.21 25.81
C SER A 207 9.02 -5.74 25.61
N ASP A 208 10.31 -5.45 25.74
CA ASP A 208 10.78 -4.08 25.46
C ASP A 208 10.51 -3.72 24.00
N TYR A 209 10.89 -4.61 23.09
CA TYR A 209 10.62 -4.41 21.67
C TYR A 209 9.11 -4.38 21.40
N TRP A 210 8.37 -5.30 22.00
CA TRP A 210 6.91 -5.34 21.83
C TRP A 210 6.28 -4.00 22.23
N ASN A 211 6.77 -3.45 23.34
CA ASN A 211 6.28 -2.17 23.83
C ASN A 211 6.53 -1.05 22.80
N GLN A 212 7.71 -1.08 22.16
CA GLN A 212 8.00 -0.14 21.08
C GLN A 212 7.03 -0.29 19.90
N LEU A 213 6.72 -1.53 19.52
CA LEU A 213 5.75 -1.77 18.45
C LEU A 213 4.37 -1.19 18.80
N LEU A 214 3.93 -1.48 20.03
CA LEU A 214 2.62 -1.03 20.51
C LEU A 214 2.55 0.48 20.51
N GLU A 215 3.65 1.12 20.88
CA GLU A 215 3.73 2.58 20.88
C GLU A 215 3.61 3.19 19.49
N VAL A 216 4.33 2.62 18.52
CA VAL A 216 4.18 3.07 17.14
C VAL A 216 2.73 2.89 16.67
N GLU A 217 2.17 1.72 16.93
CA GLU A 217 0.78 1.44 16.56
C GLU A 217 -0.22 2.41 17.19
N HIS A 218 -0.04 2.66 18.48
CA HIS A 218 -0.91 3.57 19.20
C HIS A 218 -0.83 5.00 18.66
N LYS A 219 0.40 5.46 18.40
CA LYS A 219 0.56 6.79 17.87
C LYS A 219 -0.08 6.88 16.49
N TYR A 220 0.15 5.83 15.69
CA TYR A 220 -0.37 5.77 14.34
C TYR A 220 -1.90 5.87 14.32
N LEU A 221 -2.52 5.19 15.29
CA LEU A 221 -3.97 5.20 15.41
C LEU A 221 -4.49 6.62 15.62
N HIS A 222 -3.85 7.36 16.51
CA HIS A 222 -4.31 8.70 16.83
C HIS A 222 -4.04 9.68 15.69
N GLU A 223 -2.90 9.52 15.02
CA GLU A 223 -2.52 10.38 13.91
C GLU A 223 -3.50 10.22 12.74
N ASN A 224 -4.02 9.02 12.58
CA ASN A 224 -4.86 8.70 11.43
C ASN A 224 -6.29 8.42 11.82
N LYS A 225 -6.76 9.07 12.88
CA LYS A 225 -8.07 8.72 13.44
C LYS A 225 -9.22 9.22 12.57
N GLU A 226 -8.98 10.25 11.78
CA GLU A 226 -9.98 10.74 10.86
C GLU A 226 -10.22 9.73 9.74
N GLU A 227 -9.13 9.17 9.23
CA GLU A 227 -9.22 8.12 8.22
C GLU A 227 -9.84 6.87 8.83
N PHE A 228 -9.59 6.65 10.12
CA PHE A 228 -10.13 5.48 10.81
C PHE A 228 -11.65 5.58 10.88
N LEU A 229 -12.15 6.72 11.35
CA LEU A 229 -13.58 6.93 11.48
C LEU A 229 -14.29 6.91 10.13
N LYS A 230 -13.56 7.22 9.07
CA LYS A 230 -14.09 7.13 7.71
C LYS A 230 -14.45 5.69 7.37
N LEU A 231 -13.72 4.74 7.96
CA LEU A 231 -13.90 3.32 7.67
C LEU A 231 -14.66 2.58 8.77
N PHE A 232 -14.50 3.04 10.00
CA PHE A 232 -15.07 2.33 11.14
C PHE A 232 -15.85 3.25 12.06
N SER A 233 -16.30 2.73 13.20
CA SER A 233 -17.09 3.50 14.15
C SER A 233 -16.21 4.13 15.20
N GLU A 234 -16.79 5.05 15.98
CA GLU A 234 -16.09 5.64 17.12
C GLU A 234 -16.01 4.61 18.24
N LYS A 235 -16.97 3.70 18.26
CA LYS A 235 -16.97 2.62 19.25
C LYS A 235 -15.77 1.71 19.02
N LYS A 236 -15.52 1.35 17.77
CA LYS A 236 -14.39 0.50 17.42
C LYS A 236 -13.06 1.23 17.65
N PHE A 237 -13.08 2.55 17.57
CA PHE A 237 -11.87 3.34 17.79
C PHE A 237 -11.51 3.38 19.27
N ILE A 238 -12.49 3.68 20.11
CA ILE A 238 -12.27 3.77 21.55
C ILE A 238 -11.75 2.45 22.07
N SER A 239 -12.44 1.37 21.69
CA SER A 239 -12.09 0.02 22.08
C SER A 239 -10.64 -0.34 21.73
N LEU A 240 -10.24 -0.05 20.50
CA LEU A 240 -8.89 -0.32 20.04
C LEU A 240 -7.86 0.56 20.79
N ASP A 241 -8.15 1.85 20.89
CA ASP A 241 -7.30 2.79 21.63
C ASP A 241 -7.10 2.32 23.07
N ASP A 242 -8.22 1.95 23.70
CA ASP A 242 -8.23 1.47 25.07
C ASP A 242 -7.41 0.18 25.24
N GLY A 243 -7.60 -0.77 24.33
CA GLY A 243 -6.89 -2.03 24.39
C GLY A 243 -5.38 -1.92 24.22
N TRP A 244 -4.94 -1.05 23.31
CA TRP A 244 -3.51 -0.82 23.14
C TRP A 244 -2.91 -0.13 24.37
N SER A 245 -3.63 0.84 24.93
CA SER A 245 -3.20 1.51 26.15
C SER A 245 -2.94 0.49 27.25
N ARG A 246 -3.81 -0.49 27.37
CA ARG A 246 -3.67 -1.50 28.40
C ARG A 246 -2.53 -2.48 28.12
N LYS A 247 -2.36 -2.89 26.87
CA LYS A 247 -1.22 -3.73 26.52
C LYS A 247 0.10 -2.99 26.76
N ILE A 248 0.11 -1.69 26.46
CA ILE A 248 1.31 -0.88 26.71
C ILE A 248 1.60 -0.78 28.21
N LYS A 249 0.57 -0.48 28.99
CA LYS A 249 0.73 -0.38 30.44
C LYS A 249 1.18 -1.71 31.05
N ASP A 250 0.60 -2.81 30.58
CA ASP A 250 0.85 -4.12 31.15
C ASP A 250 2.19 -4.74 30.76
N SER A 251 2.71 -4.42 29.56
CA SER A 251 4.07 -4.84 29.21
C SER A 251 5.12 -4.02 29.96
N LYS A 252 4.85 -2.74 30.16
CA LYS A 252 5.70 -1.90 30.99
C LYS A 252 5.87 -2.48 32.39
N ARG A 253 4.78 -2.89 33.02
CA ARG A 253 4.88 -3.40 34.38
C ARG A 253 5.13 -4.90 34.45
N LYS A 254 5.49 -5.50 33.30
CA LYS A 254 5.95 -6.89 33.23
C LYS A 254 4.84 -7.93 33.46
N MET A 255 3.60 -7.48 33.39
CA MET A 255 2.46 -8.40 33.59
C MET A 255 2.17 -9.22 32.32
N GLN A 256 2.13 -8.53 31.20
CA GLN A 256 1.98 -9.17 29.88
C GLN A 256 3.32 -9.17 29.16
N ARG A 257 3.71 -10.33 28.65
CA ARG A 257 5.04 -10.49 28.06
C ARG A 257 5.00 -11.05 26.63
N TRP A 258 5.96 -10.65 25.80
CA TRP A 258 6.01 -11.18 24.41
C TRP A 258 7.16 -12.17 24.29
N GLY A 259 6.84 -13.44 24.07
CA GLY A 259 7.87 -14.46 23.99
C GLY A 259 8.28 -14.74 22.56
N TYR A 260 9.58 -15.00 22.38
CA TYR A 260 10.18 -15.41 21.12
C TYR A 260 10.84 -16.75 21.39
N PHE A 261 10.62 -17.70 20.48
CA PHE A 261 11.17 -19.04 20.61
C PHE A 261 11.68 -19.53 19.27
N LYS A 262 12.93 -20.01 19.25
CA LYS A 262 13.54 -20.60 18.06
C LYS A 262 14.23 -21.90 18.44
N ALA A 263 13.88 -22.99 17.76
CA ALA A 263 14.42 -24.31 18.09
C ALA A 263 14.64 -25.21 16.85
N THR A 264 15.38 -26.30 17.04
CA THR A 264 15.65 -27.24 15.95
C THR A 264 15.28 -28.66 16.34
N LYS A 265 15.52 -29.61 15.45
CA LYS A 265 15.24 -31.01 15.76
C LYS A 265 16.50 -31.76 16.14
N ASN A 266 17.61 -31.43 15.48
CA ASN A 266 18.90 -32.03 15.80
C ASN A 266 20.00 -30.98 15.92
N SER B 9 -1.82 16.40 4.58
CA SER B 9 -1.70 16.63 3.15
C SER B 9 -1.21 15.38 2.43
N ASP B 10 -1.43 15.32 1.12
CA ASP B 10 -1.00 14.17 0.33
C ASP B 10 0.51 14.13 0.05
N LYS B 11 1.23 15.16 0.51
CA LYS B 11 2.67 15.30 0.22
C LYS B 11 3.51 14.08 0.62
N THR B 12 3.43 13.71 1.90
CA THR B 12 4.16 12.56 2.42
C THR B 12 3.72 11.27 1.72
N PHE B 13 2.41 11.12 1.56
CA PHE B 13 1.87 9.94 0.88
C PHE B 13 2.38 9.79 -0.57
N LEU B 14 2.30 10.85 -1.37
CA LEU B 14 2.73 10.79 -2.76
C LEU B 14 4.24 10.54 -2.89
N GLU B 15 5.03 11.32 -2.13
CA GLU B 15 6.48 11.17 -2.09
C GLU B 15 6.93 9.78 -1.61
N ASN B 16 6.14 9.15 -0.75
CA ASN B 16 6.51 7.86 -0.18
C ASN B 16 5.75 6.64 -0.75
N ASN B 17 5.00 6.84 -1.83
CA ASN B 17 4.30 5.75 -2.49
C ASN B 17 4.42 5.78 -4.02
N GLN B 18 3.46 6.40 -4.71
CA GLN B 18 3.51 6.46 -6.18
C GLN B 18 4.73 7.20 -6.74
N TYR B 19 5.13 8.29 -6.08
CA TYR B 19 6.17 9.17 -6.64
C TYR B 19 7.50 9.17 -5.89
N THR B 20 7.92 7.99 -5.44
CA THR B 20 9.26 7.80 -4.89
C THR B 20 10.28 8.03 -6.01
N ASP B 21 11.56 8.12 -5.65
CA ASP B 21 12.61 8.33 -6.63
C ASP B 21 12.69 7.20 -7.65
N GLU B 22 12.71 5.96 -7.17
CA GLU B 22 12.76 4.83 -8.08
C GLU B 22 11.48 4.75 -8.89
N GLY B 23 10.36 5.12 -8.26
CA GLY B 23 9.06 5.11 -8.90
C GLY B 23 9.00 5.99 -10.14
N VAL B 24 9.53 7.21 -10.05
CA VAL B 24 9.51 8.12 -11.19
C VAL B 24 10.54 7.70 -12.24
N LYS B 25 11.63 7.08 -11.77
CA LYS B 25 12.63 6.50 -12.66
C LYS B 25 12.05 5.38 -13.51
N VAL B 26 11.25 4.51 -12.88
CA VAL B 26 10.57 3.45 -13.62
C VAL B 26 9.63 4.05 -14.68
N TYR B 27 8.82 5.03 -14.27
CA TYR B 27 7.92 5.73 -15.18
C TYR B 27 8.68 6.33 -16.34
N GLU B 28 9.80 6.97 -16.01
CA GLU B 28 10.65 7.58 -17.03
C GLU B 28 11.13 6.55 -18.05
N PHE B 29 11.45 5.35 -17.59
CA PHE B 29 11.89 4.28 -18.50
C PHE B 29 10.82 3.99 -19.54
N ILE B 30 9.56 4.06 -19.13
CA ILE B 30 8.48 3.64 -20.00
C ILE B 30 7.87 4.80 -20.81
N PHE B 31 7.87 6.00 -20.23
CA PHE B 31 7.33 7.19 -20.92
C PHE B 31 8.40 7.95 -21.70
N GLY B 32 9.66 7.76 -21.31
CA GLY B 32 10.78 8.51 -21.89
C GLY B 32 11.32 9.56 -20.93
N GLU B 33 12.56 10.00 -21.15
CA GLU B 33 13.23 10.95 -20.27
C GLU B 33 12.40 12.21 -20.00
N ASN B 34 12.34 12.60 -18.72
CA ASN B 34 11.60 13.80 -18.26
C ASN B 34 10.07 13.68 -18.23
N TYR B 35 9.54 12.50 -18.48
CA TYR B 35 8.08 12.34 -18.49
C TYR B 35 7.67 11.26 -17.53
N ILE B 36 6.61 11.53 -16.76
CA ILE B 36 6.03 10.51 -15.89
C ILE B 36 4.52 10.35 -16.10
N SER B 37 4.03 10.64 -17.31
CA SER B 37 2.64 10.40 -17.64
C SER B 37 2.44 9.97 -19.11
N SER B 38 1.23 9.49 -19.41
CA SER B 38 0.77 8.95 -20.70
C SER B 38 1.45 9.50 -21.94
N GLY B 39 2.14 8.62 -22.67
CA GLY B 39 2.65 8.97 -23.99
C GLY B 39 3.91 9.83 -24.06
N GLY B 40 4.43 10.29 -22.92
CA GLY B 40 5.63 11.11 -22.89
C GLY B 40 5.66 12.25 -23.90
N LEU B 41 6.79 12.37 -24.61
CA LEU B 41 7.01 13.46 -25.57
C LEU B 41 6.03 13.44 -26.74
N GLU B 42 5.82 12.26 -27.30
CA GLU B 42 4.93 12.07 -28.45
C GLU B 42 3.49 12.58 -28.21
N ALA B 43 2.91 12.20 -27.07
CA ALA B 43 1.55 12.66 -26.76
C ALA B 43 1.54 14.16 -26.51
N THR B 44 2.60 14.65 -25.88
CA THR B 44 2.72 16.08 -25.61
C THR B 44 2.74 16.88 -26.91
N LYS B 45 3.50 16.41 -27.89
CA LYS B 45 3.51 17.04 -29.22
C LYS B 45 2.09 17.14 -29.79
N LYS B 46 1.32 16.06 -29.66
CA LYS B 46 -0.09 16.06 -30.11
C LYS B 46 -0.98 17.01 -29.30
N ILE B 47 -0.91 16.95 -27.98
CA ILE B 47 -1.74 17.81 -27.16
C ILE B 47 -1.49 19.30 -27.44
N LEU B 48 -0.26 19.64 -27.80
CA LEU B 48 0.09 21.04 -28.01
C LEU B 48 0.05 21.46 -29.48
N SER B 49 -0.39 20.55 -30.33
CA SER B 49 -0.32 20.75 -31.78
C SER B 49 -1.08 21.98 -32.27
N ASP B 50 -2.19 22.31 -31.62
CA ASP B 50 -2.96 23.49 -32.01
C ASP B 50 -2.81 24.65 -31.03
N ILE B 51 -1.73 24.64 -30.26
CA ILE B 51 -1.47 25.70 -29.30
C ILE B 51 -0.50 26.73 -29.88
N GLU B 52 -0.87 28.01 -29.79
CA GLU B 52 -0.01 29.09 -30.28
C GLU B 52 0.58 29.92 -29.15
N LEU B 53 1.90 30.03 -29.11
CA LEU B 53 2.61 30.84 -28.12
C LEU B 53 3.83 31.48 -28.74
N ASN B 54 4.35 32.53 -28.11
CA ASN B 54 5.62 33.12 -28.52
C ASN B 54 6.65 33.16 -27.37
N GLU B 55 7.74 33.89 -27.57
CA GLU B 55 8.84 33.91 -26.62
C GLU B 55 8.47 34.62 -25.33
N ASN B 56 7.55 35.57 -25.43
CA ASN B 56 7.18 36.38 -24.27
C ASN B 56 5.96 35.84 -23.53
N SER B 57 5.39 34.76 -24.05
CA SER B 57 4.23 34.11 -23.42
C SER B 57 4.58 33.52 -22.05
N LYS B 58 3.59 33.48 -21.15
CA LYS B 58 3.79 32.91 -19.82
C LYS B 58 2.94 31.67 -19.60
N VAL B 59 3.60 30.58 -19.20
CA VAL B 59 2.92 29.30 -19.01
C VAL B 59 3.05 28.77 -17.58
N LEU B 60 1.92 28.31 -17.04
CA LEU B 60 1.86 27.57 -15.78
C LEU B 60 1.61 26.09 -16.03
N ASP B 61 2.42 25.23 -15.43
CA ASP B 61 2.23 23.79 -15.53
C ASP B 61 1.89 23.28 -14.14
N ILE B 62 0.66 22.81 -13.98
CA ILE B 62 0.17 22.31 -12.69
C ILE B 62 0.44 20.82 -12.55
N GLY B 63 1.33 20.48 -11.61
CA GLY B 63 1.77 19.11 -11.43
C GLY B 63 2.86 18.77 -12.42
N SER B 64 3.90 19.58 -12.46
CA SER B 64 4.89 19.55 -13.54
C SER B 64 5.83 18.34 -13.58
N GLY B 65 5.87 17.56 -12.49
CA GLY B 65 6.63 16.31 -12.49
C GLY B 65 8.11 16.54 -12.78
N LEU B 66 8.69 15.75 -13.68
CA LEU B 66 10.12 15.85 -13.99
C LEU B 66 10.41 17.01 -14.95
N GLY B 67 9.36 17.64 -15.44
CA GLY B 67 9.52 18.89 -16.17
C GLY B 67 9.48 18.77 -17.69
N GLY B 68 9.24 17.59 -18.22
CA GLY B 68 9.29 17.37 -19.66
C GLY B 68 8.38 18.29 -20.43
N GLY B 69 7.15 18.46 -19.93
CA GLY B 69 6.20 19.37 -20.54
C GLY B 69 6.73 20.80 -20.64
N CYS B 70 7.32 21.30 -19.57
CA CYS B 70 7.83 22.67 -19.56
C CYS B 70 9.00 22.83 -20.51
N MET B 71 9.85 21.82 -20.54
CA MET B 71 11.02 21.84 -21.41
C MET B 71 10.55 21.90 -22.85
N TYR B 72 9.53 21.10 -23.18
CA TYR B 72 9.02 21.03 -24.56
C TYR B 72 8.38 22.36 -24.99
N ILE B 73 7.53 22.89 -24.12
CA ILE B 73 6.86 24.16 -24.37
C ILE B 73 7.87 25.30 -24.59
N ASN B 74 8.93 25.32 -23.78
CA ASN B 74 9.98 26.32 -23.95
C ASN B 74 10.78 26.08 -25.23
N GLU B 75 11.08 24.82 -25.53
CA GLU B 75 11.84 24.52 -26.73
C GLU B 75 11.04 24.89 -27.97
N LYS B 76 9.74 24.59 -27.94
CA LYS B 76 8.88 24.83 -29.10
C LYS B 76 8.55 26.31 -29.31
N TYR B 77 8.15 27.01 -28.25
CA TYR B 77 7.70 28.39 -28.40
C TYR B 77 8.67 29.45 -27.85
N GLY B 78 9.62 29.02 -27.02
CA GLY B 78 10.52 29.96 -26.35
C GLY B 78 9.83 30.67 -25.20
N ALA B 79 8.70 30.14 -24.74
CA ALA B 79 7.91 30.82 -23.69
C ALA B 79 8.46 30.65 -22.26
N HIS B 80 7.99 31.52 -21.35
CA HIS B 80 8.31 31.40 -19.94
C HIS B 80 7.46 30.31 -19.31
N THR B 81 8.11 29.29 -18.76
CA THR B 81 7.38 28.17 -18.16
C THR B 81 7.69 28.08 -16.66
N HIS B 82 6.64 27.86 -15.89
CA HIS B 82 6.69 27.85 -14.45
C HIS B 82 5.91 26.62 -14.03
N GLY B 83 6.61 25.63 -13.51
CA GLY B 83 5.96 24.41 -13.08
C GLY B 83 5.84 24.36 -11.57
N ILE B 84 4.69 23.89 -11.09
CA ILE B 84 4.45 23.66 -9.67
C ILE B 84 4.24 22.17 -9.41
N ASP B 85 4.96 21.62 -8.45
CA ASP B 85 4.75 20.23 -8.09
C ASP B 85 4.89 20.02 -6.59
N ILE B 86 3.94 19.28 -6.02
CA ILE B 86 3.88 19.11 -4.58
C ILE B 86 5.00 18.23 -4.04
N CYS B 87 5.57 17.36 -4.87
CA CYS B 87 6.67 16.50 -4.42
C CYS B 87 8.02 17.19 -4.56
N SER B 88 8.67 17.45 -3.42
CA SER B 88 9.95 18.17 -3.44
C SER B 88 11.05 17.30 -4.03
N ASN B 89 10.98 15.99 -3.80
CA ASN B 89 11.97 15.10 -4.39
C ASN B 89 11.90 15.13 -5.92
N ILE B 90 10.69 15.25 -6.44
CA ILE B 90 10.48 15.35 -7.88
C ILE B 90 10.98 16.69 -8.40
N VAL B 91 10.57 17.77 -7.76
CA VAL B 91 11.05 19.11 -8.08
C VAL B 91 12.57 19.22 -8.09
N ASN B 92 13.24 18.57 -7.13
CA ASN B 92 14.70 18.64 -7.04
C ASN B 92 15.35 18.01 -8.26
N MET B 93 14.77 16.91 -8.74
CA MET B 93 15.29 16.23 -9.93
C MET B 93 15.09 17.10 -11.16
N ALA B 94 13.93 17.76 -11.21
CA ALA B 94 13.55 18.62 -12.33
C ALA B 94 14.43 19.86 -12.42
N ASN B 95 14.78 20.45 -11.28
CA ASN B 95 15.68 21.61 -11.25
C ASN B 95 17.04 21.28 -11.82
N GLU B 96 17.49 20.06 -11.52
CA GLU B 96 18.78 19.54 -11.98
C GLU B 96 18.94 19.59 -13.50
N ARG B 97 17.82 19.47 -14.21
CA ARG B 97 17.88 19.40 -15.67
C ARG B 97 17.62 20.74 -16.37
N VAL B 98 17.22 21.76 -15.62
CA VAL B 98 16.97 23.08 -16.20
C VAL B 98 17.79 24.19 -15.55
N SER B 99 18.89 23.80 -14.91
CA SER B 99 19.84 24.75 -14.37
C SER B 99 20.62 25.27 -15.56
N GLY B 100 20.45 26.55 -15.86
CA GLY B 100 21.02 27.07 -17.08
C GLY B 100 19.97 27.62 -18.01
N ASN B 101 18.72 27.19 -17.83
CA ASN B 101 17.63 27.79 -18.58
C ASN B 101 16.72 28.61 -17.65
N ASN B 102 16.95 29.92 -17.65
CA ASN B 102 16.22 30.85 -16.79
C ASN B 102 14.75 31.10 -17.16
N LYS B 103 14.30 30.55 -18.28
CA LYS B 103 12.89 30.68 -18.67
C LYS B 103 12.09 29.43 -18.28
N ILE B 104 12.78 28.48 -17.67
CA ILE B 104 12.13 27.31 -17.09
C ILE B 104 12.41 27.22 -15.60
N ILE B 105 11.40 27.41 -14.77
CA ILE B 105 11.57 27.21 -13.34
C ILE B 105 10.53 26.25 -12.79
N PHE B 106 10.92 25.54 -11.74
CA PHE B 106 10.01 24.66 -11.02
C PHE B 106 9.97 25.08 -9.55
N GLU B 107 8.87 24.75 -8.87
CA GLU B 107 8.70 25.12 -7.48
C GLU B 107 7.93 24.03 -6.76
N ALA B 108 8.46 23.59 -5.63
CA ALA B 108 7.80 22.62 -4.79
C ALA B 108 6.75 23.32 -3.95
N ASN B 109 5.49 23.05 -4.27
CA ASN B 109 4.37 23.65 -3.55
C ASN B 109 3.06 22.93 -3.89
N ASP B 110 2.11 22.97 -2.96
CA ASP B 110 0.77 22.53 -3.27
C ASP B 110 0.13 23.62 -4.12
N ILE B 111 -0.35 23.26 -5.31
CA ILE B 111 -1.01 24.22 -6.18
C ILE B 111 -2.21 24.88 -5.49
N LEU B 112 -2.80 24.18 -4.53
CA LEU B 112 -3.99 24.63 -3.79
C LEU B 112 -3.72 25.73 -2.78
N THR B 113 -2.47 25.94 -2.41
CA THR B 113 -2.11 27.01 -1.49
C THR B 113 -1.37 28.12 -2.23
N LYS B 114 -0.73 27.76 -3.35
CA LYS B 114 0.02 28.70 -4.17
C LYS B 114 -0.89 29.81 -4.67
N GLU B 115 -0.37 31.03 -4.74
CA GLU B 115 -1.16 32.17 -5.20
C GLU B 115 -0.45 32.93 -6.31
N PHE B 116 -1.22 33.44 -7.26
CA PHE B 116 -0.69 34.16 -8.42
C PHE B 116 -1.50 35.42 -8.67
N PRO B 117 -0.97 36.36 -9.48
CA PRO B 117 -1.75 37.53 -9.85
C PRO B 117 -2.87 37.20 -10.83
N GLU B 118 -3.87 38.07 -10.91
CA GLU B 118 -4.94 37.94 -11.90
C GLU B 118 -4.39 38.28 -13.30
N ASN B 119 -4.91 37.60 -14.32
CA ASN B 119 -4.46 37.79 -15.70
C ASN B 119 -2.95 37.63 -15.85
N ASN B 120 -2.42 36.53 -15.32
CA ASN B 120 -0.98 36.32 -15.31
C ASN B 120 -0.46 35.44 -16.46
N PHE B 121 -1.19 34.38 -16.80
CA PHE B 121 -0.71 33.34 -17.71
C PHE B 121 -1.44 33.29 -19.06
N ASP B 122 -0.69 32.99 -20.12
CA ASP B 122 -1.26 32.79 -21.45
C ASP B 122 -1.81 31.36 -21.60
N LEU B 123 -1.17 30.44 -20.91
CA LEU B 123 -1.59 29.05 -20.91
C LEU B 123 -1.37 28.43 -19.54
N ILE B 124 -2.40 27.79 -19.02
CA ILE B 124 -2.31 26.99 -17.82
C ILE B 124 -2.56 25.53 -18.26
N TYR B 125 -1.62 24.66 -17.91
CA TYR B 125 -1.47 23.37 -18.56
C TYR B 125 -1.29 22.32 -17.48
N SER B 126 -1.95 21.18 -17.64
CA SER B 126 -1.87 20.12 -16.64
C SER B 126 -2.10 18.76 -17.27
N ARG B 127 -1.20 17.83 -16.98
CA ARG B 127 -1.25 16.51 -17.57
C ARG B 127 -1.28 15.45 -16.46
N ASP B 128 -2.44 14.83 -16.27
CA ASP B 128 -2.58 13.68 -15.39
C ASP B 128 -2.14 13.97 -13.97
N ALA B 129 -2.60 15.09 -13.42
CA ALA B 129 -2.20 15.48 -12.06
C ALA B 129 -3.42 15.73 -11.16
N ILE B 130 -4.50 16.19 -11.78
CA ILE B 130 -5.64 16.71 -11.03
C ILE B 130 -6.49 15.57 -10.45
N LEU B 131 -6.28 14.35 -10.94
CA LEU B 131 -6.90 13.17 -10.33
C LEU B 131 -6.52 12.96 -8.86
N HIS B 132 -5.42 13.58 -8.45
CA HIS B 132 -4.97 13.49 -7.05
C HIS B 132 -5.82 14.34 -6.11
N LEU B 133 -6.60 15.25 -6.67
CA LEU B 133 -7.35 16.24 -5.89
C LEU B 133 -8.78 15.78 -5.63
N SER B 134 -9.26 15.97 -4.40
CA SER B 134 -10.65 15.69 -4.07
C SER B 134 -11.56 16.56 -4.92
N LEU B 135 -12.83 16.18 -4.97
CA LEU B 135 -13.83 16.88 -5.76
C LEU B 135 -13.87 18.39 -5.43
N GLU B 136 -14.06 18.71 -4.16
CA GLU B 136 -14.01 20.10 -3.69
C GLU B 136 -12.70 20.79 -4.10
N ASN B 137 -11.59 20.10 -3.93
CA ASN B 137 -10.31 20.69 -4.31
C ASN B 137 -10.16 20.94 -5.82
N LYS B 138 -10.82 20.12 -6.66
CA LYS B 138 -10.79 20.36 -8.11
C LYS B 138 -11.49 21.68 -8.40
N ASN B 139 -12.52 21.98 -7.62
CA ASN B 139 -13.30 23.20 -7.81
C ASN B 139 -12.55 24.47 -7.44
N LYS B 140 -11.78 24.41 -6.35
CA LYS B 140 -11.01 25.57 -5.91
C LYS B 140 -9.95 25.89 -6.95
N LEU B 141 -9.29 24.85 -7.43
CA LEU B 141 -8.20 24.99 -8.39
C LEU B 141 -8.70 25.73 -9.62
N PHE B 142 -9.82 25.24 -10.18
CA PHE B 142 -10.33 25.76 -11.43
C PHE B 142 -10.83 27.21 -11.33
N GLN B 143 -11.31 27.59 -10.15
CA GLN B 143 -11.61 28.99 -9.90
C GLN B 143 -10.34 29.85 -9.81
N LYS B 144 -9.30 29.31 -9.17
CA LYS B 144 -8.00 29.99 -9.13
C LYS B 144 -7.46 30.14 -10.53
N CYS B 145 -7.59 29.07 -11.32
CA CYS B 145 -7.11 29.05 -12.69
C CYS B 145 -7.80 30.10 -13.55
N TYR B 146 -9.07 30.39 -13.25
CA TYR B 146 -9.81 31.34 -14.05
C TYR B 146 -9.26 32.76 -13.96
N LYS B 147 -8.94 33.18 -12.74
CA LYS B 147 -8.40 34.52 -12.56
C LYS B 147 -6.96 34.62 -13.05
N TRP B 148 -6.23 33.51 -12.89
CA TRP B 148 -4.83 33.46 -13.30
C TRP B 148 -4.63 33.64 -14.79
N LEU B 149 -5.59 33.16 -15.58
CA LEU B 149 -5.52 33.29 -17.03
C LEU B 149 -5.68 34.74 -17.44
N LYS B 150 -4.95 35.14 -18.49
CA LYS B 150 -5.19 36.44 -19.11
C LYS B 150 -6.43 36.27 -19.99
N PRO B 151 -7.13 37.37 -20.28
CA PRO B 151 -8.36 37.31 -21.08
C PRO B 151 -8.19 36.57 -22.41
N THR B 152 -6.97 36.56 -22.93
CA THR B 152 -6.65 35.85 -24.16
C THR B 152 -6.09 34.46 -23.87
N GLY B 153 -6.18 34.05 -22.61
CA GLY B 153 -5.55 32.82 -22.16
C GLY B 153 -6.32 31.54 -22.46
N THR B 154 -5.62 30.42 -22.40
CA THR B 154 -6.19 29.11 -22.64
C THR B 154 -5.88 28.16 -21.48
N LEU B 155 -6.88 27.36 -21.09
CA LEU B 155 -6.69 26.26 -20.17
C LEU B 155 -6.59 24.96 -20.98
N LEU B 156 -5.65 24.09 -20.61
CA LEU B 156 -5.40 22.86 -21.37
C LEU B 156 -5.05 21.69 -20.44
N ILE B 157 -5.87 20.63 -20.48
CA ILE B 157 -5.81 19.56 -19.49
C ILE B 157 -5.93 18.16 -20.07
N THR B 158 -5.05 17.25 -19.67
CA THR B 158 -5.45 15.83 -19.68
C THR B 158 -5.56 15.31 -18.24
N ASP B 159 -6.39 14.31 -18.03
CA ASP B 159 -6.59 13.79 -16.69
C ASP B 159 -7.30 12.45 -16.70
N TYR B 160 -7.01 11.63 -15.71
CA TYR B 160 -7.71 10.37 -15.56
C TYR B 160 -9.15 10.65 -15.20
N CYS B 161 -10.06 9.98 -15.88
CA CYS B 161 -11.48 9.99 -15.58
C CYS B 161 -11.98 8.55 -15.51
N ALA B 162 -13.28 8.37 -15.32
CA ALA B 162 -13.84 7.04 -15.14
C ALA B 162 -15.33 7.01 -15.39
N THR B 163 -15.85 5.80 -15.61
CA THR B 163 -17.28 5.56 -15.64
C THR B 163 -17.83 5.81 -14.23
N GLU B 164 -19.15 5.86 -14.09
CA GLU B 164 -19.75 6.07 -12.78
C GLU B 164 -19.43 4.89 -11.85
N LYS B 165 -19.43 5.16 -10.55
CA LYS B 165 -18.98 4.18 -9.55
C LYS B 165 -19.78 2.87 -9.55
N GLU B 166 -21.05 2.97 -9.94
N GLU B 166 -21.05 2.93 -9.93
CA GLU B 166 -21.93 1.81 -10.09
CA GLU B 166 -21.87 1.72 -10.00
C GLU B 166 -21.31 0.74 -10.98
C GLU B 166 -21.31 0.71 -10.99
N ASN B 167 -20.42 1.17 -11.88
CA ASN B 167 -19.78 0.28 -12.85
C ASN B 167 -18.34 -0.13 -12.53
N TRP B 168 -17.79 0.34 -11.42
CA TRP B 168 -16.44 -0.06 -11.00
C TRP B 168 -16.44 -1.47 -10.43
N ASP B 169 -15.43 -2.28 -10.75
CA ASP B 169 -15.32 -3.58 -10.05
C ASP B 169 -14.45 -3.45 -8.80
N ASP B 170 -14.29 -4.53 -8.05
CA ASP B 170 -13.56 -4.44 -6.77
C ASP B 170 -12.10 -3.99 -6.96
N GLU B 171 -11.44 -4.57 -7.95
CA GLU B 171 -10.03 -4.25 -8.22
C GLU B 171 -9.89 -2.76 -8.49
N PHE B 172 -10.77 -2.20 -9.32
CA PHE B 172 -10.67 -0.79 -9.68
C PHE B 172 -10.95 0.13 -8.48
N LYS B 173 -11.90 -0.27 -7.64
CA LYS B 173 -12.21 0.49 -6.45
C LYS B 173 -11.02 0.52 -5.50
N GLU B 174 -10.26 -0.58 -5.45
CA GLU B 174 -9.15 -0.70 -4.52
C GLU B 174 -8.00 0.21 -4.99
N TYR B 175 -7.77 0.19 -6.30
CA TYR B 175 -6.75 0.99 -6.97
C TYR B 175 -6.98 2.48 -6.76
N VAL B 176 -8.21 2.92 -6.97
CA VAL B 176 -8.58 4.30 -6.74
C VAL B 176 -8.41 4.65 -5.26
N LYS B 177 -8.84 3.75 -4.38
CA LYS B 177 -8.69 3.98 -2.94
C LYS B 177 -7.23 4.03 -2.50
N GLN B 178 -6.47 3.00 -2.85
CA GLN B 178 -5.05 2.93 -2.52
C GLN B 178 -4.28 4.18 -2.95
N ARG B 179 -4.51 4.62 -4.19
CA ARG B 179 -3.76 5.74 -4.75
C ARG B 179 -4.37 7.07 -4.37
N LYS B 180 -5.50 7.01 -3.67
CA LYS B 180 -6.19 8.19 -3.16
C LYS B 180 -6.60 9.15 -4.29
N TYR B 181 -6.95 8.57 -5.44
CA TYR B 181 -7.51 9.33 -6.57
C TYR B 181 -8.97 9.70 -6.35
N THR B 182 -9.37 10.83 -6.95
CA THR B 182 -10.79 11.14 -7.11
C THR B 182 -11.08 11.20 -8.62
N LEU B 183 -11.73 10.16 -9.13
CA LEU B 183 -12.02 10.07 -10.56
C LEU B 183 -13.49 10.29 -10.87
N ILE B 184 -13.78 11.25 -11.76
CA ILE B 184 -15.15 11.53 -12.16
C ILE B 184 -15.27 11.33 -13.66
N THR B 185 -16.48 11.52 -14.20
CA THR B 185 -16.69 11.32 -15.63
C THR B 185 -16.21 12.53 -16.42
N VAL B 186 -16.03 12.36 -17.72
CA VAL B 186 -15.60 13.45 -18.58
C VAL B 186 -16.65 14.57 -18.54
N GLU B 187 -17.92 14.17 -18.45
CA GLU B 187 -19.04 15.11 -18.42
C GLU B 187 -19.11 15.94 -17.14
N GLU B 188 -18.94 15.28 -15.99
CA GLU B 188 -18.85 15.98 -14.70
C GLU B 188 -17.70 16.99 -14.69
N TYR B 189 -16.56 16.57 -15.24
CA TYR B 189 -15.36 17.39 -15.27
C TYR B 189 -15.64 18.67 -16.06
N ALA B 190 -16.09 18.49 -17.30
CA ALA B 190 -16.54 19.58 -18.16
C ALA B 190 -17.52 20.52 -17.47
N ASP B 191 -18.45 19.93 -16.71
CA ASP B 191 -19.43 20.70 -15.95
C ASP B 191 -18.81 21.63 -14.90
N ILE B 192 -17.74 21.19 -14.27
CA ILE B 192 -17.03 22.00 -13.28
C ILE B 192 -16.39 23.23 -13.93
N LEU B 193 -15.83 23.04 -15.12
CA LEU B 193 -15.14 24.12 -15.81
C LEU B 193 -16.09 25.26 -16.21
N THR B 194 -17.25 24.90 -16.73
CA THR B 194 -18.25 25.90 -17.08
C THR B 194 -18.79 26.57 -15.81
N ALA B 195 -18.86 25.79 -14.74
CA ALA B 195 -19.33 26.29 -13.45
C ALA B 195 -18.29 27.23 -12.82
N CYS B 196 -17.06 27.15 -13.30
CA CYS B 196 -15.98 28.03 -12.84
C CYS B 196 -15.81 29.20 -13.80
N ASN B 197 -16.77 29.35 -14.72
CA ASN B 197 -16.91 30.51 -15.60
C ASN B 197 -16.07 30.48 -16.89
N PHE B 198 -15.49 29.32 -17.20
CA PHE B 198 -14.75 29.14 -18.45
C PHE B 198 -15.66 29.12 -19.68
N LYS B 199 -15.19 29.70 -20.78
CA LYS B 199 -15.93 29.73 -22.02
C LYS B 199 -15.33 28.71 -22.98
N ASN B 200 -16.08 28.36 -24.02
CA ASN B 200 -15.62 27.44 -25.06
C ASN B 200 -15.03 26.15 -24.50
N VAL B 201 -15.75 25.54 -23.57
CA VAL B 201 -15.28 24.32 -22.95
C VAL B 201 -15.40 23.12 -23.90
N VAL B 202 -14.25 22.66 -24.38
CA VAL B 202 -14.17 21.47 -25.22
C VAL B 202 -13.78 20.30 -24.33
N SER B 203 -14.52 19.22 -24.42
CA SER B 203 -14.24 18.03 -23.63
C SER B 203 -14.27 16.82 -24.57
N LYS B 204 -13.28 15.95 -24.42
CA LYS B 204 -13.15 14.76 -25.24
C LYS B 204 -12.71 13.57 -24.41
N ASP B 205 -13.35 12.43 -24.67
CA ASP B 205 -12.90 11.16 -24.14
C ASP B 205 -11.88 10.61 -25.13
N LEU B 206 -10.59 10.67 -24.76
CA LEU B 206 -9.49 10.20 -25.62
C LEU B 206 -9.03 8.79 -25.26
N SER B 207 -9.95 7.96 -24.76
CA SER B 207 -9.58 6.64 -24.26
C SER B 207 -9.05 5.71 -25.34
N ASP B 208 -9.54 5.86 -26.57
CA ASP B 208 -9.08 5.00 -27.67
C ASP B 208 -7.59 5.29 -27.92
N TYR B 209 -7.25 6.57 -28.01
CA TYR B 209 -5.86 6.98 -28.15
C TYR B 209 -5.02 6.56 -26.92
N TRP B 210 -5.56 6.79 -25.72
CA TRP B 210 -4.86 6.39 -24.50
C TRP B 210 -4.51 4.89 -24.50
N ASN B 211 -5.46 4.07 -24.95
CA ASN B 211 -5.22 2.63 -25.10
C ASN B 211 -4.07 2.32 -26.09
N GLN B 212 -4.01 3.07 -27.18
CA GLN B 212 -2.85 2.96 -28.10
C GLN B 212 -1.53 3.32 -27.41
N LEU B 213 -1.52 4.40 -26.63
CA LEU B 213 -0.30 4.79 -25.90
C LEU B 213 0.13 3.68 -24.94
N LEU B 214 -0.83 3.17 -24.18
CA LEU B 214 -0.57 2.12 -23.20
C LEU B 214 -0.04 0.86 -23.86
N GLU B 215 -0.59 0.53 -25.02
CA GLU B 215 -0.13 -0.63 -25.79
C GLU B 215 1.31 -0.50 -26.25
N VAL B 216 1.67 0.67 -26.77
CA VAL B 216 3.05 0.92 -27.14
C VAL B 216 3.98 0.79 -25.91
N GLU B 217 3.57 1.40 -24.81
CA GLU B 217 4.35 1.37 -23.58
C GLU B 217 4.53 -0.05 -23.06
N HIS B 218 3.45 -0.82 -23.08
CA HIS B 218 3.49 -2.21 -22.65
C HIS B 218 4.42 -3.06 -23.53
N LYS B 219 4.29 -2.92 -24.85
CA LYS B 219 5.18 -3.66 -25.75
C LYS B 219 6.64 -3.24 -25.51
N TYR B 220 6.86 -1.93 -25.37
CA TYR B 220 8.20 -1.42 -25.15
C TYR B 220 8.84 -2.01 -23.90
N LEU B 221 8.05 -2.12 -22.84
CA LEU B 221 8.51 -2.70 -21.59
C LEU B 221 9.00 -4.13 -21.78
N HIS B 222 8.24 -4.93 -22.52
CA HIS B 222 8.61 -6.32 -22.74
C HIS B 222 9.82 -6.45 -23.68
N GLU B 223 9.89 -5.57 -24.69
CA GLU B 223 10.97 -5.60 -25.66
C GLU B 223 12.30 -5.25 -25.02
N ASN B 224 12.23 -4.44 -23.96
CA ASN B 224 13.43 -3.96 -23.29
C ASN B 224 13.50 -4.49 -21.86
N LYS B 225 13.10 -5.74 -21.68
CA LYS B 225 13.05 -6.37 -20.37
C LYS B 225 14.43 -6.49 -19.71
N GLU B 226 15.42 -6.93 -20.48
CA GLU B 226 16.79 -7.02 -19.97
C GLU B 226 17.32 -5.68 -19.50
N GLU B 227 17.15 -4.65 -20.32
CA GLU B 227 17.57 -3.31 -19.95
C GLU B 227 16.87 -2.84 -18.68
N PHE B 228 15.60 -3.23 -18.55
CA PHE B 228 14.83 -2.89 -17.36
C PHE B 228 15.40 -3.55 -16.11
N LEU B 229 15.61 -4.86 -16.18
CA LEU B 229 16.07 -5.65 -15.04
C LEU B 229 17.52 -5.32 -14.65
N LYS B 230 18.32 -4.88 -15.62
CA LYS B 230 19.68 -4.43 -15.34
C LYS B 230 19.65 -3.10 -14.58
N LEU B 231 18.50 -2.45 -14.63
CA LEU B 231 18.32 -1.11 -14.08
C LEU B 231 17.49 -1.12 -12.79
N PHE B 232 16.50 -2.01 -12.74
CA PHE B 232 15.60 -2.10 -11.58
C PHE B 232 15.43 -3.55 -11.15
N SER B 233 14.45 -3.80 -10.28
CA SER B 233 14.22 -5.16 -9.79
C SER B 233 13.14 -5.86 -10.61
N GLU B 234 12.90 -7.12 -10.28
CA GLU B 234 11.87 -7.90 -10.96
C GLU B 234 10.50 -7.54 -10.42
N LYS B 235 10.43 -7.22 -9.13
CA LYS B 235 9.17 -6.82 -8.52
C LYS B 235 8.64 -5.54 -9.19
N LYS B 236 9.55 -4.62 -9.49
CA LYS B 236 9.16 -3.37 -10.16
C LYS B 236 8.75 -3.60 -11.60
N PHE B 237 9.20 -4.69 -12.19
CA PHE B 237 8.82 -5.04 -13.56
C PHE B 237 7.44 -5.66 -13.58
N ILE B 238 7.21 -6.60 -12.66
CA ILE B 238 5.94 -7.30 -12.57
C ILE B 238 4.82 -6.30 -12.31
N SER B 239 5.02 -5.41 -11.34
CA SER B 239 3.98 -4.48 -10.94
C SER B 239 3.68 -3.45 -12.01
N LEU B 240 4.72 -3.04 -12.75
CA LEU B 240 4.53 -2.15 -13.88
C LEU B 240 3.81 -2.88 -15.03
N ASP B 241 4.29 -4.08 -15.37
CA ASP B 241 3.63 -4.94 -16.36
C ASP B 241 2.17 -5.18 -15.99
N ASP B 242 1.98 -5.56 -14.72
CA ASP B 242 0.65 -5.82 -14.18
C ASP B 242 -0.24 -4.58 -14.23
N GLY B 243 0.30 -3.45 -13.78
CA GLY B 243 -0.44 -2.20 -13.78
C GLY B 243 -0.88 -1.73 -15.16
N TRP B 244 0.01 -1.81 -16.15
CA TRP B 244 -0.34 -1.44 -17.51
C TRP B 244 -1.40 -2.40 -18.12
N SER B 245 -1.24 -3.70 -17.89
CA SER B 245 -2.26 -4.68 -18.29
C SER B 245 -3.66 -4.27 -17.83
N ARG B 246 -3.75 -3.87 -16.56
CA ARG B 246 -5.03 -3.47 -16.00
C ARG B 246 -5.56 -2.15 -16.57
N LYS B 247 -4.68 -1.16 -16.75
CA LYS B 247 -5.12 0.08 -17.40
C LYS B 247 -5.61 -0.18 -18.82
N ILE B 248 -4.94 -1.08 -19.53
CA ILE B 248 -5.37 -1.47 -20.89
C ILE B 248 -6.74 -2.16 -20.86
N LYS B 249 -6.87 -3.16 -19.99
CA LYS B 249 -8.13 -3.89 -19.85
C LYS B 249 -9.29 -2.94 -19.51
N ASP B 250 -9.04 -2.06 -18.56
CA ASP B 250 -10.06 -1.15 -18.05
C ASP B 250 -10.48 -0.01 -18.99
N SER B 251 -9.57 0.49 -19.83
CA SER B 251 -9.97 1.50 -20.81
C SER B 251 -10.73 0.84 -21.95
N LYS B 252 -10.33 -0.38 -22.31
CA LYS B 252 -11.06 -1.18 -23.29
C LYS B 252 -12.54 -1.28 -22.91
N ARG B 253 -12.79 -1.56 -21.64
CA ARG B 253 -14.18 -1.83 -21.24
C ARG B 253 -14.86 -0.59 -20.66
N LYS B 254 -14.28 0.58 -20.92
CA LYS B 254 -14.95 1.87 -20.64
C LYS B 254 -14.98 2.27 -19.16
N MET B 255 -14.29 1.51 -18.32
CA MET B 255 -14.30 1.77 -16.88
C MET B 255 -13.35 2.91 -16.48
N GLN B 256 -12.15 2.90 -17.05
CA GLN B 256 -11.16 3.97 -16.83
C GLN B 256 -11.03 4.77 -18.14
N ARG B 257 -11.14 6.09 -18.05
CA ARG B 257 -11.23 6.95 -19.23
C ARG B 257 -10.18 8.05 -19.21
N TRP B 258 -9.65 8.42 -20.38
CA TRP B 258 -8.68 9.53 -20.44
C TRP B 258 -9.38 10.77 -20.96
N GLY B 259 -9.51 11.79 -20.11
CA GLY B 259 -10.22 13.01 -20.46
C GLY B 259 -9.27 14.09 -20.98
N TYR B 260 -9.73 14.81 -22.00
CA TYR B 260 -9.04 15.96 -22.58
C TYR B 260 -9.97 17.16 -22.44
N PHE B 261 -9.43 18.27 -21.97
CA PHE B 261 -10.20 19.49 -21.76
C PHE B 261 -9.45 20.72 -22.26
N LYS B 262 -10.11 21.55 -23.07
CA LYS B 262 -9.55 22.81 -23.52
C LYS B 262 -10.60 23.92 -23.42
N ALA B 263 -10.24 25.04 -22.81
CA ALA B 263 -11.17 26.16 -22.60
C ALA B 263 -10.49 27.53 -22.61
N THR B 264 -11.32 28.58 -22.64
CA THR B 264 -10.80 29.95 -22.64
C THR B 264 -11.36 30.76 -21.47
N LYS B 265 -10.78 31.94 -21.26
CA LYS B 265 -11.23 32.83 -20.20
C LYS B 265 -12.38 33.67 -20.72
N ASN B 266 -12.19 34.26 -21.90
CA ASN B 266 -13.24 35.05 -22.55
C ASN B 266 -13.63 34.47 -23.90
C1 CQA C . 12.31 1.70 13.86
C2 CQA C . 11.11 2.42 13.54
C3 CQA C . 9.91 1.73 13.38
C4 CQA C . 9.91 0.30 13.51
C5 CQA C . 11.07 -0.40 13.79
C6 CQA C . 12.29 0.31 13.97
C7 CQA C . 8.68 -0.42 13.35
C8 CQA C . 8.69 -1.84 13.49
C9 CQA C . 9.90 -2.51 13.79
N1 CQA C . 11.04 -1.79 13.92
CL CQA C . 13.79 2.60 14.07
N2 CQA C . 7.45 0.33 13.05
C10 CQA C . 6.15 -0.33 13.15
C11 CQA C . 5.73 -0.82 14.41
C12 CQA C . 4.48 -1.44 14.52
C13 CQA C . 3.66 -1.57 13.37
C14 CQA C . 4.07 -1.08 12.12
C15 CQA C . 5.34 -0.44 12.01
O CQA C . 2.41 -2.19 13.46
C16 CQA C . 3.14 -1.24 10.91
N3 CQA C . 2.25 -0.09 10.58
C17 CQA C . 1.75 0.64 11.74
C18 CQA C . 2.34 2.00 11.96
C19 CQA C . 1.19 -0.36 9.59
C20 CQA C . -0.05 0.48 9.60
C1 CQA D . -6.76 -5.52 25.27
C2 CQA D . -8.14 -5.23 25.35
C3 CQA D . -8.77 -5.08 26.58
C4 CQA D . -7.99 -5.23 27.79
C5 CQA D . -6.63 -5.53 27.72
C6 CQA D . -6.00 -5.67 26.44
C7 CQA D . -8.64 -5.08 29.06
C8 CQA D . -7.83 -5.23 30.23
C9 CQA D . -6.45 -5.54 30.10
N1 CQA D . -5.87 -5.67 28.87
CL CQA D . -6.04 -5.71 23.71
N2 CQA D . -10.09 -4.75 29.09
C10 CQA D . -10.86 -4.59 30.35
C11 CQA D . -11.11 -5.72 31.20
C12 CQA D . -11.85 -5.54 32.38
C13 CQA D . -12.37 -4.27 32.72
C14 CQA D . -12.13 -3.16 31.89
C15 CQA D . -11.38 -3.34 30.69
O CQA D . -13.10 -4.12 33.90
C16 CQA D . -12.67 -1.77 32.24
N3 CQA D . -13.87 -1.66 33.12
C17 CQA D . -15.10 -1.80 32.35
C18 CQA D . -16.03 -2.92 32.72
C19 CQA D . -13.83 -0.40 33.88
C20 CQA D . -15.13 0.23 34.31
N SAH E . -0.09 -15.12 12.39
CA SAH E . -1.05 -14.14 11.85
CB SAH E . -2.42 -14.21 12.63
CG SAH E . -2.38 -13.69 14.09
SD SAH E . -3.94 -13.89 15.00
C SAH E . -0.44 -12.79 11.86
O SAH E . -1.06 -11.87 11.34
OXT SAH E . 0.52 -12.58 12.58
C5' SAH E . -4.07 -15.65 15.43
C4' SAH E . -4.58 -16.58 14.48
O4' SAH E . -4.48 -17.93 15.03
C3' SAH E . -6.02 -16.34 14.24
O3' SAH E . -6.22 -16.07 12.87
C2' SAH E . -6.72 -17.56 14.70
O2' SAH E . -7.78 -17.95 13.87
C1' SAH E . -5.64 -18.61 14.68
N9 SAH E . -5.94 -19.81 15.55
C8 SAH E . -6.32 -19.82 16.85
N7 SAH E . -6.42 -21.10 17.23
C5 SAH E . -6.13 -21.90 16.18
C6 SAH E . -6.08 -23.30 16.00
N6 SAH E . -6.39 -24.16 17.01
N1 SAH E . -5.75 -23.80 14.79
C2 SAH E . -5.43 -22.97 13.78
N3 SAH E . -5.48 -21.63 13.91
C4 SAH E . -5.80 -21.07 15.10
P PO4 F . -4.62 -8.53 20.80
O1 PO4 F . -4.59 -9.59 19.71
O2 PO4 F . -3.21 -8.00 20.98
O3 PO4 F . -5.51 -7.38 20.37
O4 PO4 F . -5.14 -9.10 22.11
C1 CQA G . 2.19 6.46 -34.08
C2 CQA G . 3.14 5.58 -33.49
C3 CQA G . 3.52 5.79 -32.16
C4 CQA G . 2.95 6.88 -31.45
C5 CQA G . 2.04 7.75 -32.03
C6 CQA G . 1.64 7.53 -33.38
C7 CQA G . 3.33 7.12 -30.09
C8 CQA G . 2.76 8.21 -29.37
C9 CQA G . 1.82 9.05 -30.01
N1 CQA G . 1.49 8.81 -31.31
CL CQA G . 1.72 6.15 -35.73
N2 CQA G . 4.32 6.20 -29.47
C10 CQA G . 4.52 6.27 -28.02
C11 CQA G . 3.43 5.96 -27.16
C12 CQA G . 3.61 6.02 -25.77
C13 CQA G . 4.87 6.38 -25.25
C14 CQA G . 5.95 6.68 -26.10
C15 CQA G . 5.78 6.62 -27.51
O CQA G . 5.04 6.44 -23.87
C16 CQA G . 7.31 7.06 -25.49
N3 CQA G . 8.36 6.01 -25.39
C17 CQA G . 7.85 4.66 -25.18
C18 CQA G . 7.95 3.76 -26.36
C19 CQA G . 9.50 6.34 -24.50
C20 CQA G . 10.26 5.23 -23.82
C1 CQA H . -2.41 0.21 -12.06
C2 CQA H . -1.86 -0.59 -11.01
C3 CQA H . -2.66 -1.48 -10.31
C4 CQA H . -4.04 -1.59 -10.64
C5 CQA H . -4.59 -0.82 -11.66
C6 CQA H . -3.76 0.09 -12.38
C7 CQA H . -4.88 -2.51 -9.91
C8 CQA H . -6.27 -2.60 -10.28
C9 CQA H . -6.76 -1.78 -11.33
N1 CQA H . -5.94 -0.92 -12.01
CL CQA H . -1.39 1.31 -12.92
N2 CQA H . -4.25 -3.32 -8.83
C10 CQA H . -4.98 -4.28 -7.98
C11 CQA H . -6.01 -3.85 -7.11
C12 CQA H . -6.69 -4.78 -6.30
C13 CQA H . -6.34 -6.16 -6.35
C14 CQA H . -5.32 -6.60 -7.20
C15 CQA H . -4.63 -5.63 -8.02
O CQA H . -7.04 -7.05 -5.54
C16 CQA H . -4.90 -8.07 -7.29
N3 CQA H . -5.02 -8.99 -6.13
C17 CQA H . -4.31 -8.52 -4.95
C18 CQA H . -4.97 -8.75 -3.61
C19 CQA H . -4.54 -10.35 -6.49
C20 CQA H . -5.27 -11.53 -5.92
N SAH I . 2.55 16.48 -15.62
CA SAH I . 3.75 15.63 -15.42
CB SAH I . 3.63 14.84 -14.06
CG SAH I . 2.59 13.71 -14.08
SD SAH I . 2.34 12.88 -12.48
C SAH I . 3.99 14.76 -16.58
O SAH I . 3.11 14.61 -17.42
OXT SAH I . 4.99 14.05 -16.57
C5' SAH I . 1.37 14.01 -11.44
C4' SAH I . 2.07 15.05 -10.76
O4' SAH I . 1.08 15.89 -10.10
C3' SAH I . 2.91 14.47 -9.69
O3' SAH I . 4.26 14.83 -9.94
C2' SAH I . 2.38 15.00 -8.43
O2' SAH I . 3.38 15.32 -7.50
C1' SAH I . 1.62 16.22 -8.85
N9 SAH I . 0.60 16.67 -7.83
C8 SAH I . -0.34 15.91 -7.20
N7 SAH I . -1.02 16.73 -6.41
C5 SAH I . -0.54 17.99 -6.52
C6 SAH I . -0.88 19.23 -5.92
N6 SAH I . -1.88 19.34 -4.99
N1 SAH I . -0.17 20.33 -6.25
C2 SAH I . 0.82 20.24 -7.15
N3 SAH I . 1.16 19.07 -7.73
C4 SAH I . 0.51 17.95 -7.44
P PO4 J . -0.51 5.58 -13.03
O1 PO4 J . -0.69 5.29 -14.50
O2 PO4 J . -0.24 7.06 -12.84
O3 PO4 J . 0.66 4.77 -12.52
O4 PO4 J . -1.77 5.14 -12.26
#